data_2DQA
#
_entry.id   2DQA
#
_cell.length_a   42.749
_cell.length_b   88.760
_cell.length_c   43.644
_cell.angle_alpha   90.00
_cell.angle_beta   116.04
_cell.angle_gamma   90.00
#
_symmetry.space_group_name_H-M   'P 1 21 1'
#
loop_
_entity.id
_entity.type
_entity.pdbx_description
1 polymer Lysozyme
2 branched 2-acetamido-2-deoxy-beta-D-glucopyranose-(1-4)-2-acetamido-2-deoxy-beta-D-glucopyranose-(1-4)-2-acetamido-2-deoxy-beta-D-glucopyranose
3 non-polymer 'PLATINUM (II) ION'
4 non-polymer beta-D-glucopyranose
5 water water
#
_entity_poly.entity_id   1
_entity_poly.type   'polypeptide(L)'
_entity_poly.pdbx_seq_one_letter_code
;SFAPGMVSQKCLLCMCKLESGGCKPIGCRMDVGSLSCGYFQIKQPYWIDCGKPGKDWKSCSNDINCSSKCVQQYMKRYAT
HYRCPLNCEGFAREHNGGPNGCHSSRTLKYWELLQKIPGCKGVK
;
_entity_poly.pdbx_strand_id   A,B
#
loop_
_chem_comp.id
_chem_comp.type
_chem_comp.name
_chem_comp.formula
BGC D-saccharide, beta linking beta-D-glucopyranose 'C6 H12 O6'
NAG D-saccharide, beta linking 2-acetamido-2-deoxy-beta-D-glucopyranose 'C8 H15 N O6'
PT non-polymer 'PLATINUM (II) ION' 'Pt 2'
#
# COMPACT_ATOMS: atom_id res chain seq x y z
N PHE A 2 -18.01 -11.84 -2.25
CA PHE A 2 -16.93 -12.67 -1.66
C PHE A 2 -17.49 -13.70 -0.67
N ALA A 3 -16.67 -14.67 -0.32
CA ALA A 3 -17.04 -15.67 0.70
C ALA A 3 -17.38 -15.02 2.03
N PRO A 4 -18.42 -15.53 2.72
CA PRO A 4 -18.82 -14.99 4.01
C PRO A 4 -17.87 -15.40 5.14
N GLY A 5 -17.94 -14.67 6.25
CA GLY A 5 -17.05 -14.91 7.38
C GLY A 5 -16.87 -13.66 8.21
N MET A 6 -15.83 -13.66 9.05
CA MET A 6 -15.59 -12.56 9.99
CA MET A 6 -15.64 -12.55 9.98
C MET A 6 -15.10 -11.28 9.31
N VAL A 7 -14.41 -11.43 8.19
CA VAL A 7 -13.94 -10.26 7.45
C VAL A 7 -15.11 -9.70 6.63
N SER A 8 -15.40 -8.42 6.83
CA SER A 8 -16.53 -7.78 6.16
C SER A 8 -16.34 -7.74 4.65
N GLN A 9 -17.45 -7.69 3.92
CA GLN A 9 -17.40 -7.60 2.46
C GLN A 9 -16.67 -6.34 2.00
N LYS A 10 -16.90 -5.23 2.69
CA LYS A 10 -16.23 -3.97 2.37
CA LYS A 10 -16.24 -3.96 2.39
C LYS A 10 -14.73 -4.07 2.59
N CYS A 11 -14.32 -4.72 3.68
CA CYS A 11 -12.90 -4.93 3.99
C CYS A 11 -12.23 -5.80 2.92
N LEU A 12 -12.87 -6.92 2.57
CA LEU A 12 -12.34 -7.79 1.52
C LEU A 12 -12.18 -7.07 0.19
N LEU A 13 -13.16 -6.23 -0.17
CA LEU A 13 -13.10 -5.48 -1.41
C LEU A 13 -11.91 -4.52 -1.42
N CYS A 14 -11.69 -3.85 -0.30
CA CYS A 14 -10.52 -2.97 -0.16
C CYS A 14 -9.21 -3.75 -0.28
N MET A 15 -9.14 -4.89 0.39
CA MET A 15 -7.94 -5.74 0.35
C MET A 15 -7.68 -6.27 -1.06
N CYS A 16 -8.75 -6.68 -1.73
CA CYS A 16 -8.67 -7.18 -3.10
C CYS A 16 -8.19 -6.10 -4.08
N LYS A 17 -8.73 -4.89 -3.94
CA LYS A 17 -8.32 -3.76 -4.77
C LYS A 17 -6.84 -3.42 -4.59
N LEU A 18 -6.36 -3.48 -3.35
CA LEU A 18 -4.95 -3.20 -3.05
CA LEU A 18 -4.96 -3.20 -3.05
C LEU A 18 -4.03 -4.28 -3.60
N GLU A 19 -4.33 -5.54 -3.29
CA GLU A 19 -3.42 -6.63 -3.62
C GLU A 19 -3.23 -6.86 -5.12
N SER A 20 -4.32 -6.77 -5.88
CA SER A 20 -4.27 -7.13 -7.31
C SER A 20 -4.55 -5.96 -8.25
N GLY A 21 -4.57 -4.74 -7.72
CA GLY A 21 -4.73 -3.54 -8.54
C GLY A 21 -6.12 -3.39 -9.14
N GLY A 22 -7.12 -3.45 -8.27
CA GLY A 22 -8.52 -3.28 -8.69
C GLY A 22 -9.32 -4.56 -8.58
N CYS A 23 -8.76 -5.56 -7.92
CA CYS A 23 -9.43 -6.84 -7.66
C CYS A 23 -9.55 -7.66 -8.95
N LYS A 24 -8.43 -8.26 -9.34
CA LYS A 24 -8.31 -8.94 -10.61
C LYS A 24 -7.54 -10.25 -10.44
N PRO A 25 -7.85 -11.27 -11.26
CA PRO A 25 -7.16 -12.56 -11.15
C PRO A 25 -5.81 -12.50 -11.87
N ILE A 26 -4.84 -11.83 -11.27
CA ILE A 26 -3.60 -11.47 -11.94
C ILE A 26 -2.51 -12.55 -11.91
N GLY A 27 -2.80 -13.68 -11.26
CA GLY A 27 -1.81 -14.73 -11.08
C GLY A 27 -0.70 -14.33 -10.14
N CYS A 28 0.49 -14.90 -10.34
CA CYS A 28 1.54 -14.83 -9.34
C CYS A 28 2.65 -13.84 -9.68
N ARG A 29 3.12 -13.17 -8.65
CA ARG A 29 4.18 -12.18 -8.75
C ARG A 29 5.20 -12.47 -7.65
N MET A 30 6.48 -12.30 -7.96
CA MET A 30 7.55 -12.50 -6.99
CA MET A 30 7.53 -12.50 -6.98
C MET A 30 7.65 -11.28 -6.07
N ASP A 31 7.71 -11.55 -4.76
CA ASP A 31 7.87 -10.50 -3.75
C ASP A 31 8.38 -11.11 -2.44
N VAL A 32 9.52 -10.60 -1.98
CA VAL A 32 10.21 -11.13 -0.79
C VAL A 32 10.61 -12.60 -0.98
N GLY A 33 11.16 -12.90 -2.16
CA GLY A 33 11.74 -14.22 -2.46
C GLY A 33 10.76 -15.35 -2.69
N SER A 34 9.48 -15.01 -2.85
CA SER A 34 8.44 -16.03 -3.04
C SER A 34 7.26 -15.48 -3.84
N LEU A 35 6.51 -16.39 -4.46
CA LEU A 35 5.36 -16.00 -5.25
C LEU A 35 4.14 -15.74 -4.40
N SER A 36 3.44 -14.64 -4.73
CA SER A 36 2.14 -14.31 -4.16
CA SER A 36 2.14 -14.34 -4.16
C SER A 36 1.16 -14.29 -5.32
N CYS A 37 -0.02 -14.90 -5.14
CA CYS A 37 -0.91 -15.12 -6.28
C CYS A 37 -2.31 -14.57 -6.19
N GLY A 38 -2.77 -14.04 -7.32
CA GLY A 38 -4.20 -13.80 -7.56
C GLY A 38 -4.76 -12.58 -6.88
N TYR A 39 -6.10 -12.60 -6.73
CA TYR A 39 -6.88 -11.49 -6.19
C TYR A 39 -6.31 -10.89 -4.91
N PHE A 40 -5.90 -11.76 -3.98
CA PHE A 40 -5.46 -11.33 -2.65
C PHE A 40 -3.96 -11.53 -2.43
N GLN A 41 -3.25 -11.87 -3.51
CA GLN A 41 -1.81 -12.12 -3.46
C GLN A 41 -1.42 -13.07 -2.33
N ILE A 42 -2.00 -14.27 -2.40
CA ILE A 42 -1.86 -15.29 -1.41
C ILE A 42 -0.61 -16.12 -1.70
N LYS A 43 0.23 -16.27 -0.69
CA LYS A 43 1.42 -17.12 -0.78
CA LYS A 43 1.42 -17.12 -0.78
C LYS A 43 1.07 -18.56 -0.46
N GLN A 44 1.93 -19.48 -0.84
CA GLN A 44 1.65 -20.91 -0.66
C GLN A 44 1.43 -21.35 0.80
N PRO A 45 2.33 -20.95 1.74
CA PRO A 45 2.07 -21.37 3.13
C PRO A 45 0.74 -20.88 3.68
N TYR A 46 0.32 -19.68 3.26
CA TYR A 46 -0.97 -19.10 3.66
C TYR A 46 -2.12 -19.98 3.15
N TRP A 47 -2.04 -20.39 1.90
CA TRP A 47 -3.06 -21.27 1.32
C TRP A 47 -3.11 -22.63 2.00
N ILE A 48 -1.94 -23.17 2.38
CA ILE A 48 -1.89 -24.40 3.14
C ILE A 48 -2.58 -24.22 4.50
N ASP A 49 -2.28 -23.11 5.17
CA ASP A 49 -2.82 -22.82 6.50
C ASP A 49 -4.31 -22.54 6.50
N CYS A 50 -4.82 -21.99 5.40
CA CYS A 50 -6.24 -21.62 5.32
C CYS A 50 -7.13 -22.81 4.98
N GLY A 51 -6.53 -24.01 4.93
CA GLY A 51 -7.28 -25.26 4.73
C GLY A 51 -7.29 -25.82 3.33
N LYS A 52 -6.37 -25.35 2.49
CA LYS A 52 -6.24 -25.82 1.11
C LYS A 52 -7.58 -25.84 0.35
N PRO A 53 -8.31 -24.70 0.32
CA PRO A 53 -9.57 -24.71 -0.41
C PRO A 53 -9.34 -24.73 -1.92
N GLY A 54 -10.32 -25.27 -2.65
CA GLY A 54 -10.22 -25.37 -4.10
C GLY A 54 -9.32 -26.49 -4.58
N LYS A 55 -8.98 -26.44 -5.86
CA LYS A 55 -8.20 -27.49 -6.52
C LYS A 55 -6.73 -27.46 -6.09
N ASP A 56 -6.14 -26.26 -6.11
CA ASP A 56 -4.75 -26.06 -5.75
C ASP A 56 -4.52 -24.58 -5.47
N TRP A 57 -3.33 -24.26 -4.96
CA TRP A 57 -2.99 -22.90 -4.55
C TRP A 57 -3.24 -21.84 -5.62
N LYS A 58 -2.64 -22.03 -6.80
CA LYS A 58 -2.72 -21.01 -7.84
C LYS A 58 -4.10 -20.84 -8.46
N SER A 59 -4.81 -21.95 -8.70
CA SER A 59 -6.17 -21.87 -9.23
C SER A 59 -7.13 -21.23 -8.22
N CYS A 60 -6.98 -21.60 -6.95
CA CYS A 60 -7.76 -20.99 -5.87
C CYS A 60 -7.54 -19.48 -5.81
N SER A 61 -6.26 -19.08 -5.87
CA SER A 61 -5.88 -17.67 -5.78
C SER A 61 -6.51 -16.79 -6.85
N ASN A 62 -6.75 -17.39 -8.03
CA ASN A 62 -7.33 -16.67 -9.17
C ASN A 62 -8.86 -16.80 -9.25
N ASP A 63 -9.47 -17.29 -8.19
CA ASP A 63 -10.91 -17.40 -8.09
C ASP A 63 -11.40 -16.53 -6.94
N ILE A 64 -12.35 -15.63 -7.21
CA ILE A 64 -12.77 -14.66 -6.22
CA ILE A 64 -12.82 -14.65 -6.23
C ILE A 64 -13.38 -15.33 -4.97
N ASN A 65 -14.11 -16.43 -5.17
CA ASN A 65 -14.75 -17.13 -4.06
CA ASN A 65 -14.75 -17.11 -4.05
C ASN A 65 -13.77 -17.97 -3.24
N CYS A 66 -12.89 -18.69 -3.93
CA CYS A 66 -11.93 -19.56 -3.25
C CYS A 66 -10.90 -18.72 -2.49
N SER A 67 -10.37 -17.70 -3.16
CA SER A 67 -9.35 -16.85 -2.54
C SER A 67 -9.91 -16.11 -1.32
N SER A 68 -11.12 -15.58 -1.43
CA SER A 68 -11.74 -14.92 -0.26
C SER A 68 -12.12 -15.91 0.85
N LYS A 69 -12.52 -17.13 0.48
CA LYS A 69 -12.76 -18.19 1.45
C LYS A 69 -11.47 -18.50 2.22
N CYS A 70 -10.35 -18.53 1.50
CA CYS A 70 -9.04 -18.72 2.11
C CYS A 70 -8.75 -17.62 3.14
N VAL A 71 -8.95 -16.37 2.75
CA VAL A 71 -8.74 -15.23 3.65
C VAL A 71 -9.63 -15.37 4.91
N GLN A 72 -10.92 -15.66 4.70
CA GLN A 72 -11.83 -15.85 5.81
C GLN A 72 -11.36 -16.94 6.77
N GLN A 73 -10.92 -18.07 6.22
CA GLN A 73 -10.49 -19.20 7.02
C GLN A 73 -9.14 -18.98 7.72
N TYR A 74 -8.26 -18.22 7.08
CA TYR A 74 -7.00 -17.80 7.72
C TYR A 74 -7.27 -16.97 8.97
N MET A 75 -8.22 -16.04 8.86
CA MET A 75 -8.59 -15.19 10.00
C MET A 75 -9.26 -16.01 11.09
N LYS A 76 -10.17 -16.91 10.69
CA LYS A 76 -10.80 -17.84 11.65
C LYS A 76 -9.76 -18.61 12.46
N ARG A 77 -8.67 -18.99 11.80
CA ARG A 77 -7.61 -19.76 12.44
C ARG A 77 -6.73 -18.91 13.36
N TYR A 78 -6.26 -17.78 12.84
CA TYR A 78 -5.20 -17.02 13.49
C TYR A 78 -5.61 -15.71 14.18
N ALA A 79 -6.53 -14.96 13.60
CA ALA A 79 -6.93 -13.68 14.18
C ALA A 79 -7.57 -13.89 15.55
N THR A 80 -8.28 -15.00 15.67
CA THR A 80 -8.88 -15.44 16.92
C THR A 80 -7.81 -15.86 17.92
N HIS A 81 -7.00 -16.84 17.53
CA HIS A 81 -5.97 -17.40 18.40
C HIS A 81 -4.99 -16.35 18.93
N TYR A 82 -4.54 -15.46 18.04
CA TYR A 82 -3.56 -14.45 18.42
C TYR A 82 -4.16 -13.19 19.02
N ARG A 83 -5.48 -13.21 19.25
CA ARG A 83 -6.18 -12.15 19.98
C ARG A 83 -6.07 -10.79 19.29
N CYS A 84 -6.19 -10.81 17.97
CA CYS A 84 -6.21 -9.59 17.16
C CYS A 84 -7.53 -8.87 17.37
N PRO A 85 -7.53 -7.54 17.17
CA PRO A 85 -8.83 -6.86 17.05
C PRO A 85 -9.53 -7.42 15.81
N LEU A 86 -10.79 -7.81 15.97
CA LEU A 86 -11.52 -8.42 14.87
C LEU A 86 -12.23 -7.36 14.04
N ASN A 87 -11.43 -6.60 13.30
CA ASN A 87 -11.94 -5.58 12.42
C ASN A 87 -11.02 -5.51 11.21
N CYS A 88 -11.36 -4.69 10.22
CA CYS A 88 -10.58 -4.67 8.98
C CYS A 88 -9.10 -4.38 9.22
N GLU A 89 -8.79 -3.43 10.09
CA GLU A 89 -7.39 -3.15 10.41
C GLU A 89 -6.68 -4.43 10.88
N GLY A 90 -7.31 -5.14 11.81
CA GLY A 90 -6.74 -6.37 12.35
C GLY A 90 -6.53 -7.41 11.26
N PHE A 91 -7.57 -7.62 10.44
CA PHE A 91 -7.53 -8.61 9.38
C PHE A 91 -6.51 -8.26 8.29
N ALA A 92 -6.49 -6.99 7.89
CA ALA A 92 -5.50 -6.51 6.90
C ALA A 92 -4.07 -6.74 7.38
N ARG A 93 -3.83 -6.46 8.65
CA ARG A 93 -2.50 -6.63 9.24
C ARG A 93 -2.09 -8.10 9.35
N GLU A 94 -3.08 -8.96 9.63
CA GLU A 94 -2.86 -10.41 9.60
C GLU A 94 -2.52 -10.88 8.18
N HIS A 95 -3.29 -10.39 7.22
CA HIS A 95 -3.08 -10.77 5.83
C HIS A 95 -1.66 -10.43 5.38
N ASN A 96 -1.21 -9.22 5.69
CA ASN A 96 0.11 -8.76 5.29
C ASN A 96 1.25 -9.33 6.14
N GLY A 97 0.99 -9.52 7.44
CA GLY A 97 2.05 -9.87 8.38
C GLY A 97 2.11 -11.30 8.88
N GLY A 98 1.11 -12.10 8.54
CA GLY A 98 1.05 -13.49 8.99
C GLY A 98 0.25 -13.66 10.27
N PRO A 99 0.37 -14.84 10.90
CA PRO A 99 -0.48 -15.24 12.03
C PRO A 99 -0.57 -14.22 13.15
N ASN A 100 0.51 -13.49 13.41
CA ASN A 100 0.48 -12.45 14.45
C ASN A 100 0.81 -11.06 13.88
N GLY A 101 0.48 -10.87 12.61
CA GLY A 101 0.72 -9.58 11.93
C GLY A 101 0.03 -8.41 12.59
N CYS A 102 -1.11 -8.64 13.22
CA CYS A 102 -1.86 -7.56 13.86
C CYS A 102 -1.09 -6.96 15.05
N HIS A 103 -0.08 -7.68 15.55
CA HIS A 103 0.75 -7.19 16.66
C HIS A 103 2.18 -6.83 16.24
N SER A 104 2.39 -6.70 14.93
CA SER A 104 3.67 -6.24 14.38
C SER A 104 3.49 -4.81 13.88
N SER A 105 4.31 -3.88 14.40
CA SER A 105 4.20 -2.46 14.02
C SER A 105 4.46 -2.25 12.52
N ARG A 106 5.22 -3.16 11.93
CA ARG A 106 5.59 -3.12 10.51
CA ARG A 106 5.59 -3.12 10.51
C ARG A 106 4.36 -3.13 9.61
N THR A 107 3.33 -3.88 10.00
CA THR A 107 2.12 -4.01 9.17
C THR A 107 1.25 -2.76 9.13
N LEU A 108 1.55 -1.76 9.96
CA LEU A 108 0.82 -0.50 9.94
C LEU A 108 0.93 0.22 8.59
N LYS A 109 2.06 0.03 7.92
CA LYS A 109 2.27 0.62 6.59
C LYS A 109 1.30 0.06 5.55
N TYR A 110 0.96 -1.22 5.71
CA TYR A 110 -0.03 -1.87 4.86
C TYR A 110 -1.41 -1.30 5.11
N TRP A 111 -1.76 -1.11 6.38
CA TRP A 111 -3.06 -0.52 6.75
C TRP A 111 -3.18 0.92 6.25
N GLU A 112 -2.07 1.65 6.32
CA GLU A 112 -1.99 3.01 5.78
C GLU A 112 -2.28 3.01 4.28
N LEU A 113 -1.66 2.07 3.57
CA LEU A 113 -1.80 1.98 2.12
C LEU A 113 -3.21 1.56 1.72
N LEU A 114 -3.78 0.62 2.46
CA LEU A 114 -5.12 0.14 2.19
CA LEU A 114 -5.12 0.13 2.20
C LEU A 114 -6.14 1.28 2.21
N GLN A 115 -5.96 2.21 3.15
CA GLN A 115 -6.89 3.32 3.30
C GLN A 115 -6.79 4.40 2.23
N LYS A 116 -5.75 4.30 1.39
CA LYS A 116 -5.57 5.20 0.26
CA LYS A 116 -5.57 5.19 0.24
C LYS A 116 -6.48 4.81 -0.91
N ILE A 117 -6.93 3.55 -0.91
CA ILE A 117 -7.85 3.04 -1.93
C ILE A 117 -9.18 3.79 -1.78
N PRO A 118 -9.69 4.38 -2.88
CA PRO A 118 -10.92 5.16 -2.79
C PRO A 118 -12.05 4.40 -2.10
N GLY A 119 -12.66 5.03 -1.11
CA GLY A 119 -13.77 4.44 -0.37
C GLY A 119 -13.36 3.59 0.83
N CYS A 120 -12.06 3.47 1.06
CA CYS A 120 -11.53 2.54 2.07
C CYS A 120 -11.00 3.19 3.35
N LYS A 121 -11.05 4.53 3.42
CA LYS A 121 -10.66 5.25 4.63
C LYS A 121 -11.50 4.82 5.83
N GLY A 122 -10.84 4.28 6.84
CA GLY A 122 -11.50 3.85 8.08
C GLY A 122 -12.46 2.70 7.92
N VAL A 123 -12.23 1.85 6.92
CA VAL A 123 -13.09 0.68 6.68
C VAL A 123 -13.06 -0.28 7.87
N LYS A 124 -14.22 -0.86 8.19
CA LYS A 124 -14.36 -1.80 9.31
C LYS A 124 -14.57 -3.23 8.86
N PHE B 2 4.11 19.05 -13.37
CA PHE B 2 4.82 18.99 -12.06
C PHE B 2 6.18 19.67 -12.12
N ALA B 3 6.73 19.96 -10.94
CA ALA B 3 8.07 20.52 -10.81
C ALA B 3 9.14 19.59 -11.42
N PRO B 4 10.18 20.16 -12.03
CA PRO B 4 11.25 19.35 -12.61
C PRO B 4 12.22 18.82 -11.55
N GLY B 5 12.96 17.77 -11.91
CA GLY B 5 13.96 17.19 -11.04
C GLY B 5 14.25 15.76 -11.45
N MET B 6 14.77 14.97 -10.51
CA MET B 6 15.12 13.57 -10.80
C MET B 6 13.92 12.69 -11.08
N VAL B 7 12.84 12.90 -10.33
CA VAL B 7 11.65 12.09 -10.48
C VAL B 7 10.98 12.46 -11.78
N SER B 8 10.75 11.47 -12.64
CA SER B 8 10.14 11.71 -13.93
C SER B 8 8.70 12.19 -13.77
N GLN B 9 8.24 12.96 -14.75
CA GLN B 9 6.86 13.45 -14.78
C GLN B 9 5.85 12.29 -14.72
N LYS B 10 6.15 11.21 -15.44
CA LYS B 10 5.30 10.02 -15.43
C LYS B 10 5.27 9.38 -14.04
N CYS B 11 6.43 9.27 -13.40
CA CYS B 11 6.53 8.74 -12.05
C CYS B 11 5.69 9.55 -11.06
N LEU B 12 5.87 10.87 -11.10
CA LEU B 12 5.12 11.78 -10.23
C LEU B 12 3.60 11.66 -10.42
N LEU B 13 3.16 11.58 -11.67
CA LEU B 13 1.73 11.40 -11.96
C LEU B 13 1.19 10.12 -11.32
N CYS B 14 1.95 9.04 -11.46
CA CYS B 14 1.58 7.76 -10.87
C CYS B 14 1.51 7.82 -9.35
N MET B 15 2.51 8.46 -8.74
CA MET B 15 2.53 8.66 -7.29
C MET B 15 1.34 9.51 -6.85
N CYS B 16 1.06 10.57 -7.60
CA CYS B 16 -0.03 11.50 -7.29
C CYS B 16 -1.39 10.81 -7.35
N LYS B 17 -1.58 9.98 -8.39
CA LYS B 17 -2.82 9.24 -8.55
C LYS B 17 -3.06 8.30 -7.38
N LEU B 18 -1.99 7.62 -6.96
CA LEU B 18 -2.06 6.69 -5.85
C LEU B 18 -2.36 7.38 -4.52
N GLU B 19 -1.65 8.47 -4.26
CA GLU B 19 -1.70 9.11 -2.93
C GLU B 19 -3.02 9.78 -2.63
N SER B 20 -3.57 10.46 -3.63
CA SER B 20 -4.76 11.30 -3.41
C SER B 20 -5.97 10.87 -4.24
N GLY B 21 -6.05 9.58 -4.54
CA GLY B 21 -7.19 8.99 -5.26
C GLY B 21 -7.45 9.65 -6.59
N GLY B 22 -6.41 9.74 -7.42
CA GLY B 22 -6.54 10.31 -8.76
C GLY B 22 -5.91 11.68 -8.92
N CYS B 23 -5.00 12.03 -8.01
CA CYS B 23 -4.22 13.27 -8.07
C CYS B 23 -5.09 14.51 -7.87
N LYS B 24 -5.48 14.72 -6.60
CA LYS B 24 -6.41 15.78 -6.21
C LYS B 24 -5.91 16.49 -4.95
N PRO B 25 -6.21 17.80 -4.79
CA PRO B 25 -5.80 18.52 -3.58
C PRO B 25 -6.77 18.26 -2.41
N ILE B 26 -6.67 17.06 -1.85
CA ILE B 26 -7.65 16.56 -0.88
C ILE B 26 -7.40 17.00 0.56
N GLY B 27 -6.33 17.76 0.77
CA GLY B 27 -5.99 18.22 2.12
C GLY B 27 -5.51 17.06 2.97
N CYS B 28 -5.74 17.16 4.28
CA CYS B 28 -5.10 16.26 5.22
C CYS B 28 -6.00 15.19 5.77
N ARG B 29 -5.43 14.01 5.97
CA ARG B 29 -6.14 12.87 6.55
CA ARG B 29 -6.14 12.91 6.61
C ARG B 29 -5.23 12.19 7.58
N MET B 30 -5.84 11.63 8.63
CA MET B 30 -5.10 10.91 9.65
C MET B 30 -5.24 9.41 9.42
N ASP B 31 -4.20 8.83 8.83
CA ASP B 31 -4.05 7.39 8.76
C ASP B 31 -2.91 6.98 9.69
N VAL B 32 -3.18 5.97 10.51
CA VAL B 32 -2.20 5.32 11.40
CA VAL B 32 -2.19 5.33 11.39
C VAL B 32 -1.52 6.25 12.44
N GLY B 33 -2.12 7.41 12.70
CA GLY B 33 -1.60 8.29 13.76
C GLY B 33 -0.78 9.49 13.36
N SER B 34 -0.82 9.84 12.08
CA SER B 34 -0.15 11.03 11.57
CA SER B 34 -0.17 11.05 11.58
C SER B 34 -0.98 11.69 10.47
N LEU B 35 -0.89 13.02 10.38
CA LEU B 35 -1.58 13.77 9.33
CA LEU B 35 -1.58 13.77 9.34
C LEU B 35 -0.74 13.81 8.06
N SER B 36 -1.34 13.40 6.95
CA SER B 36 -0.70 13.45 5.65
C SER B 36 -1.58 14.27 4.71
N CYS B 37 -0.98 15.11 3.87
CA CYS B 37 -1.75 16.16 3.19
C CYS B 37 -1.59 16.25 1.67
N GLY B 38 -2.71 16.52 1.01
CA GLY B 38 -2.69 16.95 -0.38
C GLY B 38 -2.37 15.88 -1.42
N TYR B 39 -1.95 16.38 -2.58
CA TYR B 39 -1.71 15.56 -3.78
C TYR B 39 -0.88 14.33 -3.53
N PHE B 40 0.21 14.49 -2.78
CA PHE B 40 1.18 13.43 -2.53
C PHE B 40 1.14 12.90 -1.09
N GLN B 41 0.15 13.36 -0.32
CA GLN B 41 -0.02 12.94 1.07
C GLN B 41 1.29 13.08 1.86
N ILE B 42 1.79 14.31 1.83
CA ILE B 42 3.03 14.69 2.48
C ILE B 42 2.78 14.93 3.97
N LYS B 43 3.59 14.28 4.80
CA LYS B 43 3.54 14.50 6.24
C LYS B 43 4.46 15.66 6.62
N GLN B 44 4.26 16.23 7.79
CA GLN B 44 4.98 17.45 8.18
C GLN B 44 6.51 17.31 8.22
N PRO B 45 7.05 16.24 8.85
CA PRO B 45 8.51 16.10 8.83
C PRO B 45 9.11 16.01 7.41
N TYR B 46 8.37 15.39 6.50
CA TYR B 46 8.77 15.31 5.09
C TYR B 46 8.90 16.71 4.49
N TRP B 47 7.89 17.55 4.73
CA TRP B 47 7.87 18.92 4.19
C TRP B 47 9.00 19.76 4.79
N ILE B 48 9.26 19.56 6.08
CA ILE B 48 10.39 20.21 6.73
C ILE B 48 11.71 19.78 6.06
N ASP B 49 11.86 18.48 5.84
CA ASP B 49 13.08 17.93 5.24
C ASP B 49 13.27 18.30 3.78
N CYS B 50 12.17 18.53 3.05
CA CYS B 50 12.26 18.85 1.63
C CYS B 50 12.54 20.34 1.39
N GLY B 51 12.82 21.07 2.47
CA GLY B 51 13.25 22.46 2.36
C GLY B 51 12.15 23.49 2.56
N LYS B 52 11.02 23.05 3.13
CA LYS B 52 9.90 23.94 3.44
C LYS B 52 9.48 24.83 2.27
N PRO B 53 9.21 24.24 1.08
CA PRO B 53 8.79 25.08 -0.05
C PRO B 53 7.40 25.66 0.15
N GLY B 54 7.14 26.82 -0.45
CA GLY B 54 5.83 27.46 -0.35
C GLY B 54 5.64 28.19 0.98
N LYS B 55 4.38 28.53 1.26
CA LYS B 55 4.02 29.33 2.43
C LYS B 55 4.08 28.52 3.72
N ASP B 56 3.54 27.30 3.66
CA ASP B 56 3.51 26.39 4.80
C ASP B 56 3.18 24.98 4.30
N TRP B 57 3.27 24.02 5.21
CA TRP B 57 3.06 22.60 4.91
C TRP B 57 1.75 22.30 4.17
N LYS B 58 0.63 22.72 4.74
CA LYS B 58 -0.68 22.33 4.20
C LYS B 58 -1.01 23.03 2.87
N SER B 59 -0.68 24.30 2.75
CA SER B 59 -0.92 25.01 1.49
C SER B 59 -0.02 24.46 0.38
N CYS B 60 1.23 24.16 0.72
CA CYS B 60 2.17 23.55 -0.23
C CYS B 60 1.64 22.20 -0.70
N SER B 61 1.17 21.39 0.24
CA SER B 61 0.69 20.05 -0.07
C SER B 61 -0.50 20.02 -1.04
N ASN B 62 -1.33 21.06 -0.99
CA ASN B 62 -2.49 21.22 -1.87
C ASN B 62 -2.20 21.97 -3.18
N ASP B 63 -0.91 22.19 -3.45
CA ASP B 63 -0.47 22.88 -4.65
C ASP B 63 0.32 21.89 -5.49
N ILE B 64 -0.06 21.73 -6.75
CA ILE B 64 0.56 20.72 -7.60
C ILE B 64 2.07 20.98 -7.83
N ASN B 65 2.45 22.25 -8.00
CA ASN B 65 3.85 22.61 -8.19
C ASN B 65 4.67 22.52 -6.91
N CYS B 66 4.14 23.05 -5.81
CA CYS B 66 4.86 23.05 -4.54
C CYS B 66 5.05 21.64 -3.99
N SER B 67 3.97 20.85 -4.01
CA SER B 67 4.02 19.49 -3.48
C SER B 67 4.99 18.62 -4.29
N SER B 68 4.93 18.74 -5.62
CA SER B 68 5.87 18.00 -6.46
C SER B 68 7.31 18.51 -6.30
N LYS B 69 7.48 19.81 -6.09
CA LYS B 69 8.80 20.39 -5.79
CA LYS B 69 8.79 20.38 -5.80
C LYS B 69 9.36 19.77 -4.52
N CYS B 70 8.50 19.61 -3.52
CA CYS B 70 8.87 18.97 -2.26
C CYS B 70 9.35 17.53 -2.50
N VAL B 71 8.58 16.76 -3.27
CA VAL B 71 8.99 15.39 -3.62
C VAL B 71 10.37 15.38 -4.27
N GLN B 72 10.55 16.25 -5.26
CA GLN B 72 11.82 16.34 -5.99
C GLN B 72 12.98 16.61 -5.04
N GLN B 73 12.77 17.56 -4.13
CA GLN B 73 13.82 18.00 -3.22
C GLN B 73 14.08 16.96 -2.13
N TYR B 74 13.05 16.23 -1.74
CA TYR B 74 13.21 15.13 -0.80
C TYR B 74 14.13 14.06 -1.39
N MET B 75 13.90 13.71 -2.66
CA MET B 75 14.73 12.72 -3.34
C MET B 75 16.15 13.22 -3.54
N LYS B 76 16.29 14.51 -3.88
CA LYS B 76 17.61 15.12 -4.04
CA LYS B 76 17.61 15.13 -4.04
C LYS B 76 18.41 15.01 -2.74
N ARG B 77 17.72 15.16 -1.61
CA ARG B 77 18.36 15.09 -0.32
C ARG B 77 18.72 13.65 0.07
N TYR B 78 17.75 12.75 -0.05
CA TYR B 78 17.87 11.42 0.56
C TYR B 78 18.18 10.25 -0.36
N ALA B 79 17.56 10.23 -1.55
CA ALA B 79 17.76 9.10 -2.47
C ALA B 79 19.21 9.02 -2.91
N THR B 80 19.84 10.20 -2.99
CA THR B 80 21.26 10.32 -3.32
C THR B 80 22.11 9.81 -2.15
N HIS B 81 21.92 10.41 -0.98
CA HIS B 81 22.70 10.07 0.22
C HIS B 81 22.61 8.59 0.59
N TYR B 82 21.41 8.01 0.56
CA TYR B 82 21.22 6.62 0.94
C TYR B 82 21.42 5.63 -0.20
N ARG B 83 21.97 6.14 -1.32
CA ARG B 83 22.37 5.30 -2.45
C ARG B 83 21.22 4.44 -3.00
N CYS B 84 20.04 5.04 -3.11
CA CYS B 84 18.90 4.38 -3.73
C CYS B 84 19.10 4.29 -5.24
N PRO B 85 18.45 3.31 -5.89
CA PRO B 85 18.39 3.40 -7.35
C PRO B 85 17.63 4.68 -7.69
N LEU B 86 18.16 5.47 -8.61
CA LEU B 86 17.54 6.75 -8.94
C LEU B 86 16.53 6.58 -10.08
N ASN B 87 15.45 5.86 -9.78
CA ASN B 87 14.39 5.63 -10.75
C ASN B 87 13.06 5.61 -10.00
N CYS B 88 11.96 5.46 -10.74
CA CYS B 88 10.64 5.56 -10.09
C CYS B 88 10.49 4.62 -8.91
N GLU B 89 10.97 3.38 -9.04
CA GLU B 89 10.92 2.44 -7.91
C GLU B 89 11.58 2.98 -6.65
N GLY B 90 12.81 3.48 -6.81
CA GLY B 90 13.57 4.04 -5.70
C GLY B 90 12.85 5.21 -5.09
N PHE B 91 12.39 6.13 -5.93
CA PHE B 91 11.70 7.35 -5.47
C PHE B 91 10.36 7.06 -4.79
N ALA B 92 9.58 6.15 -5.39
CA ALA B 92 8.29 5.75 -4.81
C ALA B 92 8.48 5.13 -3.43
N ARG B 93 9.50 4.30 -3.28
CA ARG B 93 9.77 3.65 -2.01
C ARG B 93 10.32 4.61 -0.96
N GLU B 94 11.11 5.60 -1.39
CA GLU B 94 11.53 6.69 -0.51
C GLU B 94 10.33 7.46 -0.01
N HIS B 95 9.44 7.82 -0.93
CA HIS B 95 8.22 8.54 -0.58
C HIS B 95 7.37 7.78 0.46
N ASN B 96 7.23 6.48 0.24
CA ASN B 96 6.42 5.64 1.13
C ASN B 96 7.09 5.33 2.47
N GLY B 97 8.41 5.15 2.45
CA GLY B 97 9.13 4.66 3.63
C GLY B 97 10.09 5.60 4.34
N GLY B 98 10.32 6.78 3.77
CA GLY B 98 11.24 7.74 4.37
C GLY B 98 12.62 7.70 3.73
N PRO B 99 13.62 8.30 4.40
CA PRO B 99 14.96 8.53 3.85
C PRO B 99 15.67 7.28 3.33
N ASN B 100 15.42 6.14 3.94
CA ASN B 100 15.98 4.88 3.47
C ASN B 100 14.92 3.84 3.09
N GLY B 101 13.74 4.33 2.71
CA GLY B 101 12.62 3.48 2.30
C GLY B 101 12.90 2.57 1.12
N CYS B 102 13.80 3.01 0.24
CA CYS B 102 14.18 2.22 -0.94
C CYS B 102 14.91 0.93 -0.57
N HIS B 103 15.40 0.85 0.65
CA HIS B 103 16.09 -0.35 1.14
C HIS B 103 15.29 -1.09 2.21
N SER B 104 13.99 -0.81 2.26
CA SER B 104 13.09 -1.50 3.19
C SER B 104 12.07 -2.32 2.41
N SER B 105 11.91 -3.58 2.80
CA SER B 105 11.00 -4.49 2.10
C SER B 105 9.53 -4.09 2.23
N ARG B 106 9.21 -3.32 3.27
N ARG B 106 9.19 -3.33 3.28
CA ARG B 106 7.83 -2.91 3.59
CA ARG B 106 7.81 -2.95 3.56
C ARG B 106 7.25 -1.99 2.52
C ARG B 106 7.25 -1.83 2.67
N THR B 107 8.11 -1.26 1.82
CA THR B 107 7.70 -0.28 0.81
C THR B 107 7.40 -0.92 -0.54
N LEU B 108 7.63 -2.22 -0.65
CA LEU B 108 7.41 -2.92 -1.92
C LEU B 108 5.95 -2.99 -2.33
N LYS B 109 5.05 -3.19 -1.37
CA LYS B 109 3.61 -3.21 -1.65
C LYS B 109 3.15 -1.93 -2.34
N TYR B 110 3.66 -0.80 -1.86
CA TYR B 110 3.38 0.50 -2.46
C TYR B 110 3.83 0.54 -3.93
N TRP B 111 5.06 0.10 -4.17
CA TRP B 111 5.62 0.04 -5.53
C TRP B 111 4.81 -0.89 -6.42
N GLU B 112 4.44 -2.05 -5.88
CA GLU B 112 3.60 -3.02 -6.59
C GLU B 112 2.25 -2.41 -6.98
N LEU B 113 1.63 -1.67 -6.06
CA LEU B 113 0.34 -1.03 -6.35
C LEU B 113 0.45 0.12 -7.35
N LEU B 114 1.50 0.92 -7.22
CA LEU B 114 1.74 2.04 -8.14
C LEU B 114 1.75 1.57 -9.59
N GLN B 115 2.44 0.46 -9.84
CA GLN B 115 2.61 -0.11 -11.19
C GLN B 115 1.29 -0.57 -11.82
N LYS B 116 0.29 -0.83 -10.98
CA LYS B 116 -1.00 -1.35 -11.45
C LYS B 116 -2.00 -0.25 -11.82
N ILE B 117 -1.64 1.00 -11.52
CA ILE B 117 -2.42 2.15 -11.95
C ILE B 117 -2.28 2.29 -13.47
N PRO B 118 -3.40 2.44 -14.21
CA PRO B 118 -3.37 2.58 -15.66
C PRO B 118 -2.34 3.61 -16.14
N GLY B 119 -1.48 3.19 -17.06
CA GLY B 119 -0.41 4.02 -17.59
C GLY B 119 0.90 3.89 -16.84
N CYS B 120 0.89 3.17 -15.71
CA CYS B 120 2.04 3.14 -14.81
C CYS B 120 2.88 1.86 -14.83
N LYS B 121 2.48 0.90 -15.66
CA LYS B 121 3.23 -0.36 -15.77
C LYS B 121 4.64 -0.10 -16.31
N GLY B 122 5.64 -0.57 -15.56
CA GLY B 122 7.04 -0.43 -15.95
C GLY B 122 7.58 0.99 -15.92
N VAL B 123 6.93 1.87 -15.16
CA VAL B 123 7.31 3.29 -15.05
C VAL B 123 8.75 3.46 -14.51
N LYS B 124 9.48 4.39 -15.10
CA LYS B 124 10.86 4.68 -14.70
C LYS B 124 11.03 6.11 -14.21
C1 NAG C . 2.65 -12.25 3.69
C1 NAG C . 2.64 -12.35 3.58
C2 NAG C . 1.81 -13.53 3.75
C2 NAG C . 1.79 -13.62 3.70
C3 NAG C . 1.90 -14.18 5.12
C3 NAG C . 1.90 -14.21 5.10
C4 NAG C . 3.35 -14.32 5.60
C4 NAG C . 3.36 -14.38 5.52
C5 NAG C . 4.09 -12.99 5.43
C5 NAG C . 4.14 -13.08 5.26
C6 NAG C . 5.57 -13.13 5.80
C6 NAG C . 5.63 -13.20 5.55
C7 NAG C . -0.17 -13.86 2.36
C7 NAG C . -0.21 -13.89 2.33
C8 NAG C . -1.48 -13.29 1.92
C8 NAG C . -1.52 -13.28 1.90
N2 NAG C . 0.43 -13.27 3.39
N2 NAG C . 0.39 -13.34 3.38
O1 NAG C . 2.66 -11.76 2.37
O1 NAG C . 2.60 -11.86 2.25
O3 NAG C . 1.27 -15.44 5.08
O3 NAG C . 1.24 -15.46 5.12
O4 NAG C . 3.39 -14.69 6.97
O4 NAG C . 3.44 -14.69 6.91
O5 NAG C . 3.98 -12.51 4.11
O5 NAG C . 3.98 -12.68 3.91
O6 NAG C . 6.21 -13.99 4.89
O6 NAG C . 6.18 -11.91 5.65
O7 NAG C . 0.30 -14.84 1.77
O7 NAG C . 0.25 -14.85 1.71
C1 NAG C . 3.77 -16.07 7.13
C2 NAG C . 4.46 -16.21 8.49
C3 NAG C . 4.69 -17.68 8.86
C4 NAG C . 3.42 -18.50 8.66
C5 NAG C . 2.89 -18.28 7.23
C6 NAG C . 1.60 -19.04 6.91
C7 NAG C . 6.00 -14.52 9.35
C8 NAG C . 7.40 -13.98 9.27
N2 NAG C . 5.73 -15.50 8.50
O3 NAG C . 5.11 -17.74 10.21
O4 NAG C . 3.73 -19.86 8.89
O5 NAG C . 2.62 -16.90 7.08
O6 NAG C . 0.61 -18.71 7.86
O7 NAG C . 5.18 -14.07 10.16
C1 NAG C . 2.87 -20.44 9.90
C2 NAG C . 3.04 -21.95 9.81
C3 NAG C . 2.32 -22.67 10.96
C4 NAG C . 2.60 -22.01 12.30
C5 NAG C . 2.31 -20.50 12.19
C6 NAG C . 2.54 -19.76 13.51
C7 NAG C . 3.33 -22.94 7.59
C8 NAG C . 2.66 -23.59 6.42
N2 NAG C . 2.54 -22.46 8.54
O3 NAG C . 2.74 -24.02 10.99
O4 NAG C . 1.79 -22.61 13.28
O5 NAG C . 3.16 -19.95 11.20
O6 NAG C . 3.90 -19.81 13.85
O7 NAG C . 4.56 -22.87 7.63
C1 NAG D . 5.79 8.25 5.00
C2 NAG D . 6.46 9.63 4.96
C3 NAG D . 7.92 9.54 5.41
C4 NAG D . 8.04 8.82 6.76
C5 NAG D . 7.27 7.49 6.68
C6 NAG D . 7.26 6.72 8.00
C7 NAG D . 5.63 11.33 3.38
C8 NAG D . 5.29 11.59 1.95
N2 NAG D . 6.34 10.22 3.63
O1 NAG D . 4.41 8.38 4.73
O3 NAG D . 8.47 10.85 5.47
O4 NAG D . 9.39 8.53 7.05
O5 NAG D . 5.92 7.71 6.31
O6 NAG D . 6.76 5.43 7.74
O7 NAG D . 5.26 12.12 4.26
C1 NAG D . 9.96 9.44 7.99
C2 NAG D . 11.11 8.73 8.70
C3 NAG D . 11.90 9.71 9.58
C4 NAG D . 12.29 10.97 8.80
C5 NAG D . 11.00 11.56 8.23
C6 NAG D . 11.21 12.87 7.46
C7 NAG D . 11.00 6.38 9.32
C8 NAG D . 10.29 5.34 10.14
N2 NAG D . 10.61 7.64 9.51
O3 NAG D . 13.06 9.09 10.08
O4 NAG D . 12.92 11.87 9.69
O5 NAG D . 10.42 10.62 7.35
O6 NAG D . 12.17 12.67 6.44
O7 NAG D . 11.89 6.05 8.53
C1 NAG D . 14.20 12.31 9.22
C1 NAG D . 14.24 12.22 9.28
C2 NAG D . 14.61 13.55 10.00
C2 NAG D . 14.70 13.39 10.17
C3 NAG D . 16.00 14.04 9.62
C3 NAG D . 16.17 13.74 9.96
C4 NAG D . 17.01 12.89 9.59
C4 NAG D . 17.05 12.50 9.97
C5 NAG D . 16.46 11.72 8.77
C5 NAG D . 16.49 11.43 9.03
C6 NAG D . 17.42 10.53 8.75
C6 NAG D . 17.31 10.15 9.13
C7 NAG D . 12.88 15.10 10.76
C7 NAG D . 12.88 14.93 10.75
C8 NAG D . 12.12 16.36 10.45
C8 NAG D . 12.21 16.25 10.43
N2 NAG D . 13.65 14.62 9.78
N2 NAG D . 13.86 14.56 9.93
O3 NAG D . 16.41 15.02 10.56
O3 NAG D . 16.56 14.62 10.99
O4 NAG D . 18.23 13.36 9.02
O4 NAG D . 18.36 12.84 9.59
O5 NAG D . 15.21 11.31 9.29
O5 NAG D . 15.15 11.13 9.36
O6 NAG D . 17.38 9.82 9.97
O6 NAG D . 17.22 9.43 7.92
O7 NAG D . 12.76 14.56 11.86
O7 NAG D . 12.51 14.29 11.74
PT PT E . 10.22 -16.52 -8.48
PT PT F . 5.01 3.41 9.76
PT PT G . 11.06 -15.06 -7.96
PT PT H . 0.12 -3.54 18.46
PT PT I . 6.92 -17.02 4.74
C2 BGC J . 13.84 7.90 -18.01
C3 BGC J . 13.81 9.15 -17.12
C4 BGC J . 13.93 8.77 -15.64
C5 BGC J . 15.14 7.85 -15.46
C6 BGC J . 15.35 7.42 -14.01
C1 BGC J . 15.02 7.00 -17.65
O1 BGC J . 14.99 5.81 -18.42
O2 BGC J . 13.92 8.28 -19.37
O3 BGC J . 12.64 9.90 -17.35
O4 BGC J . 14.09 9.94 -14.87
O5 BGC J . 14.98 6.69 -16.27
O6 BGC J . 16.56 6.71 -13.89
C2 BGC K . 23.63 2.81 -6.19
C3 BGC K . 23.63 4.32 -5.99
C4 BGC K . 23.50 5.01 -7.35
C5 BGC K . 22.26 4.48 -8.08
C6 BGC K . 22.09 5.06 -9.47
C1 BGC K . 22.36 2.40 -6.94
O1 BGC K . 22.36 1.01 -7.16
O2 BGC K . 23.67 2.17 -4.93
O3 BGC K . 24.80 4.74 -5.33
O4 BGC K . 23.43 6.41 -7.14
O5 BGC K . 22.33 3.07 -8.20
O6 BGC K . 20.80 4.80 -9.97
PT PT L . -5.16 13.24 13.77
PT PT M . 9.44 9.35 12.37
PT PT N . 7.70 10.17 11.26
#